data_3WW8
#
_entry.id   3WW8
#
_cell.length_a   48.882
_cell.length_b   56.213
_cell.length_c   69.966
_cell.angle_alpha   90.00
_cell.angle_beta   90.00
_cell.angle_gamma   90.00
#
_symmetry.space_group_name_H-M   'P 21 21 21'
#
loop_
_entity.id
_entity.type
_entity.pdbx_description
1 polymer 'Pizza3 protein'
2 non-polymer 'SULFATE ION'
3 non-polymer GLYCEROL
4 water water
#
_entity_poly.entity_id   1
_entity_poly.type   'polypeptide(L)'
_entity_poly.pdbx_seq_one_letter_code
;GSHMSNTQTVLPFTGLNTPNGVAVDSAGTVYVTDHGNNRVVKLAAGSNTQTVLPFTGLNTPNGVAVDSAGTVYVTDHGNN
RVVKLAAGSNTQTVLPFTGLNTPNGVAVDSAGTVYVTDHGNNRVVKLAAG
;
_entity_poly.pdbx_strand_id   A,B
#
loop_
_chem_comp.id
_chem_comp.type
_chem_comp.name
_chem_comp.formula
GOL non-polymer GLYCEROL 'C3 H8 O3'
SO4 non-polymer 'SULFATE ION' 'O4 S -2'
#
# COMPACT_ATOMS: atom_id res chain seq x y z
N SER A 5 -15.19 -6.07 -14.49
CA SER A 5 -14.56 -5.92 -15.80
C SER A 5 -13.41 -6.90 -15.97
N ASN A 6 -13.18 -7.33 -17.22
CA ASN A 6 -12.08 -8.23 -17.52
C ASN A 6 -10.98 -7.54 -18.32
N THR A 7 -11.11 -6.23 -18.54
CA THR A 7 -10.10 -5.52 -19.31
C THR A 7 -9.64 -4.23 -18.62
N GLN A 8 -8.37 -4.23 -18.27
CA GLN A 8 -7.76 -3.12 -17.56
C GLN A 8 -7.63 -1.88 -18.44
N THR A 9 -7.47 -0.74 -17.80
CA THR A 9 -7.10 0.48 -18.50
C THR A 9 -5.79 0.98 -17.92
N VAL A 10 -5.05 1.74 -18.71
CA VAL A 10 -3.80 2.33 -18.26
C VAL A 10 -4.07 3.79 -17.94
N LEU A 11 -3.70 4.20 -16.73
CA LEU A 11 -3.89 5.60 -16.34
C LEU A 11 -2.86 6.48 -17.03
N PRO A 12 -3.27 7.70 -17.44
CA PRO A 12 -2.42 8.58 -18.24
C PRO A 12 -1.35 9.34 -17.44
N PHE A 13 -0.70 8.67 -16.50
CA PHE A 13 0.51 9.21 -15.90
C PHE A 13 1.59 9.23 -16.98
N THR A 14 2.59 10.07 -16.79
CA THR A 14 3.69 10.16 -17.74
C THR A 14 5.03 10.16 -17.05
N GLY A 15 6.03 9.63 -17.75
CA GLY A 15 7.40 9.71 -17.30
C GLY A 15 7.66 9.00 -15.98
N LEU A 16 6.90 7.94 -15.70
CA LEU A 16 7.12 7.17 -14.49
C LEU A 16 8.36 6.27 -14.63
N ASN A 17 8.99 6.00 -13.50
CA ASN A 17 10.08 5.05 -13.48
C ASN A 17 9.94 4.18 -12.25
N THR A 18 9.81 2.88 -12.46
CA THR A 18 9.67 1.92 -11.38
C THR A 18 8.67 2.33 -10.28
N PRO A 19 7.46 2.77 -10.66
CA PRO A 19 6.50 3.14 -9.61
C PRO A 19 6.17 1.96 -8.70
N ASN A 20 6.03 2.20 -7.40
CA ASN A 20 5.96 1.09 -6.44
C ASN A 20 4.84 1.14 -5.40
N GLY A 21 3.96 2.13 -5.49
CA GLY A 21 2.91 2.30 -4.50
C GLY A 21 1.79 3.14 -5.08
N VAL A 22 0.56 2.84 -4.64
CA VAL A 22 -0.61 3.53 -5.16
C VAL A 22 -1.70 3.64 -4.08
N ALA A 23 -2.43 4.75 -4.11
CA ALA A 23 -3.53 5.00 -3.19
C ALA A 23 -4.58 5.78 -3.97
N VAL A 24 -5.83 5.72 -3.52
CA VAL A 24 -6.94 6.42 -4.18
C VAL A 24 -7.87 7.01 -3.12
N ASP A 25 -8.29 8.26 -3.32
CA ASP A 25 -9.20 8.90 -2.36
C ASP A 25 -10.67 8.82 -2.79
N SER A 26 -11.54 9.50 -2.04
CA SER A 26 -12.98 9.39 -2.24
C SER A 26 -13.47 10.03 -3.55
N ALA A 27 -12.70 10.98 -4.07
CA ALA A 27 -13.02 11.64 -5.33
C ALA A 27 -12.46 10.86 -6.52
N GLY A 28 -11.78 9.75 -6.24
CA GLY A 28 -11.18 8.95 -7.30
C GLY A 28 -9.83 9.45 -7.73
N THR A 29 -9.25 10.36 -6.95
CA THR A 29 -7.91 10.85 -7.26
C THR A 29 -6.88 9.78 -6.91
N VAL A 30 -5.97 9.50 -7.83
CA VAL A 30 -5.00 8.41 -7.68
C VAL A 30 -3.62 8.99 -7.39
N TYR A 31 -2.96 8.45 -6.36
CA TYR A 31 -1.65 8.90 -5.88
C TYR A 31 -0.65 7.79 -6.09
N VAL A 32 0.50 8.11 -6.65
CA VAL A 32 1.51 7.11 -6.98
C VAL A 32 2.90 7.53 -6.50
N THR A 33 3.60 6.59 -5.84
CA THR A 33 5.00 6.81 -5.51
C THR A 33 5.86 6.44 -6.72
N ASP A 34 6.32 7.47 -7.44
CA ASP A 34 7.15 7.30 -8.63
C ASP A 34 8.59 7.11 -8.19
N HIS A 35 8.86 5.91 -7.70
CA HIS A 35 10.08 5.53 -7.02
C HIS A 35 11.37 5.95 -7.71
N GLY A 36 11.50 5.64 -9.00
CA GLY A 36 12.72 5.94 -9.72
C GLY A 36 12.99 7.43 -9.94
N ASN A 37 11.96 8.25 -9.80
CA ASN A 37 12.12 9.70 -9.96
C ASN A 37 12.00 10.46 -8.66
N ASN A 38 12.00 9.71 -7.55
CA ASN A 38 12.00 10.30 -6.22
C ASN A 38 10.89 11.34 -6.05
N ARG A 39 9.68 10.98 -6.40
CA ARG A 39 8.57 11.93 -6.32
C ARG A 39 7.25 11.21 -6.13
N VAL A 40 6.25 11.97 -5.72
CA VAL A 40 4.90 11.46 -5.53
C VAL A 40 3.97 12.26 -6.42
N VAL A 41 3.19 11.56 -7.25
CA VAL A 41 2.37 12.20 -8.26
C VAL A 41 0.91 11.83 -8.11
N LYS A 42 0.01 12.74 -8.44
CA LYS A 42 -1.40 12.46 -8.36
C LYS A 42 -2.12 12.84 -9.64
N LEU A 43 -3.21 12.15 -9.90
CA LEU A 43 -3.98 12.31 -11.12
C LEU A 43 -5.46 12.24 -10.73
N ALA A 44 -6.19 13.30 -10.99
CA ALA A 44 -7.62 13.30 -10.74
C ALA A 44 -8.29 12.42 -11.78
N ALA A 45 -9.46 11.90 -11.45
CA ALA A 45 -10.20 11.06 -12.39
C ALA A 45 -10.56 11.85 -13.65
N GLY A 46 -10.13 11.33 -14.81
CA GLY A 46 -10.46 11.94 -16.08
C GLY A 46 -9.55 13.06 -16.52
N SER A 47 -8.35 13.15 -15.92
CA SER A 47 -7.40 14.21 -16.27
C SER A 47 -6.17 13.70 -17.03
N ASN A 48 -5.57 14.57 -17.85
CA ASN A 48 -4.33 14.27 -18.58
C ASN A 48 -3.09 14.85 -17.93
N THR A 49 -3.28 15.80 -17.02
CA THR A 49 -2.15 16.44 -16.36
C THR A 49 -1.99 15.86 -14.96
N GLN A 50 -0.80 15.33 -14.68
CA GLN A 50 -0.50 14.82 -13.36
C GLN A 50 0.15 15.93 -12.53
N THR A 51 0.06 15.81 -11.21
CA THR A 51 0.56 16.82 -10.30
C THR A 51 1.61 16.22 -9.37
N VAL A 52 2.80 16.81 -9.34
CA VAL A 52 3.81 16.40 -8.40
C VAL A 52 3.54 17.08 -7.06
N LEU A 53 3.44 16.28 -6.00
CA LEU A 53 3.16 16.78 -4.65
C LEU A 53 4.41 17.37 -4.00
N PRO A 54 4.24 18.37 -3.14
CA PRO A 54 5.37 19.11 -2.57
C PRO A 54 6.00 18.43 -1.37
N PHE A 55 6.33 17.15 -1.50
CA PHE A 55 7.16 16.50 -0.48
C PHE A 55 8.57 17.05 -0.57
N THR A 56 9.19 17.23 0.60
CA THR A 56 10.54 17.80 0.66
C THR A 56 11.50 16.89 1.40
N GLY A 57 12.75 16.89 0.94
CA GLY A 57 13.79 16.07 1.55
C GLY A 57 13.57 14.58 1.37
N LEU A 58 12.78 14.21 0.37
CA LEU A 58 12.46 12.82 0.14
C LEU A 58 13.68 12.09 -0.40
N ASN A 59 13.97 10.90 0.13
CA ASN A 59 15.05 10.10 -0.41
C ASN A 59 14.56 8.72 -0.85
N THR A 60 13.70 8.75 -1.88
CA THR A 60 13.12 7.57 -2.53
C THR A 60 11.90 7.04 -1.78
N PRO A 61 10.70 7.23 -2.35
CA PRO A 61 9.47 6.77 -1.69
C PRO A 61 9.24 5.28 -1.92
N ASN A 62 8.70 4.60 -0.92
CA ASN A 62 8.46 3.15 -0.94
C ASN A 62 6.98 2.79 -0.93
N GLY A 63 6.12 3.72 -0.54
CA GLY A 63 4.73 3.43 -0.29
C GLY A 63 3.92 4.67 0.03
N VAL A 64 2.60 4.58 -0.13
CA VAL A 64 1.72 5.72 0.03
C VAL A 64 0.33 5.31 0.52
N ALA A 65 -0.29 6.18 1.31
CA ALA A 65 -1.68 6.02 1.72
C ALA A 65 -2.31 7.40 1.83
N VAL A 66 -3.63 7.46 1.72
CA VAL A 66 -4.33 8.73 1.84
C VAL A 66 -5.53 8.57 2.79
N ASP A 67 -5.75 9.54 3.66
CA ASP A 67 -6.86 9.46 4.62
C ASP A 67 -8.07 10.29 4.21
N SER A 68 -9.09 10.31 5.06
CA SER A 68 -10.33 11.01 4.75
C SER A 68 -10.17 12.53 4.68
N ALA A 69 -9.09 13.04 5.26
CA ALA A 69 -8.84 14.48 5.24
C ALA A 69 -8.00 14.89 4.02
N GLY A 70 -7.60 13.91 3.22
CA GLY A 70 -6.77 14.21 2.06
C GLY A 70 -5.30 14.31 2.40
N THR A 71 -4.96 13.93 3.63
CA THR A 71 -3.58 13.88 4.05
C THR A 71 -2.91 12.69 3.36
N VAL A 72 -1.73 12.95 2.81
CA VAL A 72 -1.01 11.90 2.10
C VAL A 72 0.19 11.46 2.92
N TYR A 73 0.30 10.15 3.11
CA TYR A 73 1.36 9.53 3.91
C TYR A 73 2.32 8.77 3.02
N VAL A 74 3.62 8.96 3.23
CA VAL A 74 4.63 8.36 2.37
C VAL A 74 5.79 7.78 3.20
N THR A 75 6.20 6.56 2.87
CA THR A 75 7.39 6.00 3.49
C THR A 75 8.63 6.39 2.69
N ASP A 76 9.65 6.84 3.40
CA ASP A 76 10.89 7.32 2.82
C ASP A 76 11.99 6.30 3.06
N HIS A 77 12.43 5.66 2.00
CA HIS A 77 13.42 4.58 2.05
C HIS A 77 14.76 5.02 2.66
N GLY A 78 15.34 6.07 2.10
CA GLY A 78 16.68 6.48 2.48
C GLY A 78 16.78 7.22 3.79
N ASN A 79 15.69 7.82 4.23
CA ASN A 79 15.69 8.57 5.50
C ASN A 79 15.04 7.79 6.62
N ASN A 80 14.59 6.58 6.30
CA ASN A 80 14.01 5.69 7.30
C ASN A 80 12.95 6.39 8.13
N ARG A 81 12.01 7.01 7.45
CA ARG A 81 10.98 7.75 8.14
C ARG A 81 9.68 7.71 7.37
N VAL A 82 8.60 8.12 8.04
CA VAL A 82 7.30 8.25 7.44
C VAL A 82 6.91 9.73 7.53
N VAL A 83 6.48 10.29 6.41
CA VAL A 83 6.08 11.69 6.39
C VAL A 83 4.63 11.80 5.97
N LYS A 84 3.98 12.86 6.43
CA LYS A 84 2.65 13.14 5.94
C LYS A 84 2.56 14.57 5.43
N LEU A 85 1.69 14.76 4.46
CA LEU A 85 1.53 16.05 3.82
C LEU A 85 0.08 16.46 4.00
N ALA A 86 -0.12 17.57 4.72
CA ALA A 86 -1.46 18.09 4.95
C ALA A 86 -2.00 18.80 3.73
N ALA A 87 -3.25 18.53 3.36
CA ALA A 87 -3.88 19.25 2.25
C ALA A 87 -4.02 20.75 2.57
N GLY A 88 -3.96 21.57 1.53
CA GLY A 88 -4.11 23.01 1.68
C GLY A 88 -2.85 23.72 2.12
N SER A 89 -2.44 23.51 3.36
CA SER A 89 -1.24 24.15 3.88
C SER A 89 0.02 23.59 3.24
N ASN A 90 -0.06 22.34 2.78
CA ASN A 90 1.11 21.62 2.30
C ASN A 90 2.23 21.49 3.33
N THR A 91 1.85 21.55 4.61
CA THR A 91 2.80 21.33 5.66
C THR A 91 3.20 19.86 5.67
N GLN A 92 4.50 19.60 5.66
CA GLN A 92 5.01 18.24 5.79
C GLN A 92 5.44 17.98 7.23
N THR A 93 4.94 16.89 7.79
CA THR A 93 5.27 16.49 9.15
C THR A 93 5.94 15.12 9.11
N VAL A 94 7.05 14.99 9.84
CA VAL A 94 7.68 13.69 10.03
C VAL A 94 7.02 13.02 11.22
N LEU A 95 6.46 11.83 11.00
CA LEU A 95 5.83 11.12 12.11
C LEU A 95 6.88 10.61 13.10
N PRO A 96 6.59 10.73 14.40
CA PRO A 96 7.60 10.35 15.39
C PRO A 96 7.73 8.85 15.65
N PHE A 97 7.75 8.06 14.60
CA PHE A 97 8.23 6.69 14.72
C PHE A 97 9.70 6.72 15.12
N THR A 98 10.19 5.64 15.70
CA THR A 98 11.61 5.56 16.00
C THR A 98 12.18 4.17 15.71
N GLY A 99 13.45 4.14 15.32
CA GLY A 99 14.13 2.88 15.07
C GLY A 99 13.73 2.18 13.79
N LEU A 100 13.09 2.91 12.88
CA LEU A 100 12.74 2.30 11.60
C LEU A 100 13.99 2.01 10.77
N ASN A 101 13.94 0.90 10.04
CA ASN A 101 14.99 0.56 9.09
C ASN A 101 14.32 0.11 7.80
N THR A 102 14.27 1.02 6.82
CA THR A 102 13.57 0.79 5.55
C THR A 102 12.06 0.57 5.73
N PRO A 103 11.35 1.61 6.15
CA PRO A 103 9.89 1.50 6.16
C PRO A 103 9.44 1.29 4.72
N ASN A 104 8.44 0.44 4.50
CA ASN A 104 7.99 0.20 3.14
C ASN A 104 6.50 0.50 2.94
N GLY A 105 5.63 -0.41 3.33
CA GLY A 105 4.21 -0.15 3.25
C GLY A 105 3.73 0.79 4.35
N VAL A 106 2.68 1.55 4.06
CA VAL A 106 2.01 2.38 5.05
C VAL A 106 0.48 2.29 4.87
N ALA A 107 -0.24 2.33 5.98
CA ALA A 107 -1.70 2.30 5.96
C ALA A 107 -2.21 3.18 7.09
N VAL A 108 -3.44 3.67 6.96
CA VAL A 108 -4.02 4.54 7.98
C VAL A 108 -5.46 4.12 8.22
N ASP A 109 -5.84 3.96 9.48
CA ASP A 109 -7.20 3.51 9.78
C ASP A 109 -8.15 4.68 9.98
N SER A 110 -9.40 4.37 10.29
CA SER A 110 -10.44 5.39 10.36
C SER A 110 -10.22 6.31 11.56
N ALA A 111 -9.43 5.86 12.52
CA ALA A 111 -9.11 6.67 13.71
C ALA A 111 -7.87 7.52 13.51
N GLY A 112 -7.27 7.43 12.34
CA GLY A 112 -6.07 8.19 12.02
C GLY A 112 -4.77 7.55 12.49
N THR A 113 -4.85 6.32 12.97
CA THR A 113 -3.66 5.60 13.39
C THR A 113 -2.88 5.13 12.15
N VAL A 114 -1.56 5.30 12.20
CA VAL A 114 -0.70 5.00 11.07
C VAL A 114 0.07 3.71 11.31
N TYR A 115 0.05 2.82 10.33
CA TYR A 115 0.69 1.51 10.41
C TYR A 115 1.78 1.46 9.36
N VAL A 116 2.95 0.94 9.73
CA VAL A 116 4.08 0.89 8.82
C VAL A 116 4.79 -0.46 8.88
N THR A 117 5.09 -1.01 7.72
CA THR A 117 5.91 -2.20 7.67
C THR A 117 7.39 -1.79 7.71
N ASP A 118 8.07 -2.23 8.77
CA ASP A 118 9.47 -1.90 9.00
C ASP A 118 10.29 -3.05 8.43
N HIS A 119 10.57 -2.95 7.13
CA HIS A 119 11.11 -4.04 6.32
C HIS A 119 12.46 -4.56 6.83
N GLY A 120 13.35 -3.64 7.16
CA GLY A 120 14.67 -4.00 7.65
C GLY A 120 14.68 -4.61 9.04
N ASN A 121 13.64 -4.33 9.82
CA ASN A 121 13.54 -4.87 11.18
C ASN A 121 12.53 -6.01 11.34
N ASN A 122 11.98 -6.48 10.22
CA ASN A 122 11.01 -7.58 10.23
C ASN A 122 9.87 -7.39 11.23
N ARG A 123 9.29 -6.19 11.25
CA ARG A 123 8.21 -5.92 12.19
C ARG A 123 7.23 -4.94 11.60
N VAL A 124 6.06 -4.84 12.22
CA VAL A 124 5.04 -3.88 11.83
C VAL A 124 4.77 -2.99 13.04
N VAL A 125 4.78 -1.68 12.82
CA VAL A 125 4.65 -0.71 13.91
C VAL A 125 3.44 0.19 13.67
N LYS A 126 2.72 0.57 14.71
CA LYS A 126 1.66 1.55 14.56
C LYS A 126 1.84 2.71 15.53
N LEU A 127 1.29 3.86 15.15
CA LEU A 127 1.46 5.09 15.90
C LEU A 127 0.18 5.88 15.75
N ALA A 128 -0.52 6.10 16.86
CA ALA A 128 -1.70 6.97 16.80
C ALA A 128 -1.28 8.41 16.48
N ALA A 129 -2.12 9.14 15.75
CA ALA A 129 -1.80 10.52 15.36
C ALA A 129 -1.53 11.40 16.58
N SER B 5 0.80 11.01 18.87
CA SER B 5 1.29 10.20 19.97
C SER B 5 2.81 10.07 19.91
N ASN B 6 3.44 9.89 21.07
CA ASN B 6 4.85 9.51 21.10
C ASN B 6 4.99 8.11 21.67
N THR B 7 3.97 7.30 21.40
CA THR B 7 4.00 5.88 21.71
C THR B 7 3.75 5.11 20.42
N GLN B 8 4.74 4.32 20.00
CA GLN B 8 4.53 3.39 18.90
C GLN B 8 4.40 1.99 19.47
N THR B 9 3.61 1.17 18.80
CA THR B 9 3.35 -0.19 19.24
C THR B 9 3.81 -1.18 18.18
N VAL B 10 4.63 -2.15 18.57
CA VAL B 10 5.00 -3.24 17.67
C VAL B 10 3.86 -4.25 17.73
N LEU B 11 3.27 -4.55 16.57
CA LEU B 11 2.16 -5.47 16.51
C LEU B 11 2.70 -6.89 16.67
N PRO B 12 1.90 -7.78 17.30
CA PRO B 12 2.37 -9.15 17.58
C PRO B 12 2.27 -10.10 16.38
N PHE B 13 2.76 -9.63 15.23
CA PHE B 13 3.11 -10.56 14.18
C PHE B 13 4.37 -11.27 14.64
N THR B 14 4.66 -12.45 14.10
CA THR B 14 5.87 -13.16 14.50
C THR B 14 6.51 -13.81 13.30
N GLY B 15 7.84 -13.89 13.34
CA GLY B 15 8.58 -14.61 12.31
C GLY B 15 8.52 -13.98 10.94
N LEU B 16 8.35 -12.66 10.90
CA LEU B 16 8.30 -11.98 9.62
C LEU B 16 9.69 -11.95 8.98
N ASN B 17 9.70 -11.91 7.64
CA ASN B 17 10.93 -11.71 6.87
C ASN B 17 10.68 -10.76 5.71
N THR B 18 11.44 -9.66 5.69
CA THR B 18 11.28 -8.60 4.68
C THR B 18 9.83 -8.24 4.38
N PRO B 19 9.03 -7.98 5.44
CA PRO B 19 7.63 -7.63 5.15
C PRO B 19 7.59 -6.33 4.37
N ASN B 20 6.59 -6.14 3.52
CA ASN B 20 6.66 -4.95 2.65
C ASN B 20 5.35 -4.32 2.19
N GLY B 21 4.26 -4.69 2.84
CA GLY B 21 2.96 -4.11 2.53
C GLY B 21 2.07 -4.28 3.72
N VAL B 22 1.24 -3.28 4.00
CA VAL B 22 0.31 -3.32 5.13
C VAL B 22 -1.03 -2.67 4.77
N ALA B 23 -2.11 -3.23 5.30
CA ALA B 23 -3.44 -2.72 5.11
C ALA B 23 -4.23 -2.90 6.40
N VAL B 24 -5.24 -2.05 6.61
CA VAL B 24 -6.07 -2.15 7.81
C VAL B 24 -7.53 -1.94 7.42
N ASP B 25 -8.42 -2.81 7.90
CA ASP B 25 -9.83 -2.68 7.55
C ASP B 25 -10.63 -1.86 8.57
N SER B 26 -11.93 -1.75 8.35
CA SER B 26 -12.76 -0.88 9.18
C SER B 26 -12.93 -1.43 10.59
N ALA B 27 -12.65 -2.70 10.77
CA ALA B 27 -12.73 -3.33 12.09
C ALA B 27 -11.37 -3.29 12.81
N GLY B 28 -10.36 -2.73 12.16
CA GLY B 28 -9.04 -2.65 12.77
C GLY B 28 -8.17 -3.87 12.57
N THR B 29 -8.64 -4.80 11.74
CA THR B 29 -7.83 -5.95 11.39
C THR B 29 -6.68 -5.52 10.49
N VAL B 30 -5.48 -6.00 10.79
CA VAL B 30 -4.27 -5.59 10.07
C VAL B 30 -3.76 -6.74 9.22
N TYR B 31 -3.42 -6.45 7.96
CA TYR B 31 -2.94 -7.46 7.03
C TYR B 31 -1.57 -7.05 6.55
N VAL B 32 -0.66 -8.02 6.46
CA VAL B 32 0.72 -7.73 6.08
C VAL B 32 1.21 -8.76 5.06
N THR B 33 1.85 -8.27 4.00
CA THR B 33 2.55 -9.16 3.08
C THR B 33 3.91 -9.53 3.64
N ASP B 34 3.99 -10.76 4.13
CA ASP B 34 5.24 -11.26 4.70
C ASP B 34 6.05 -11.83 3.56
N HIS B 35 6.63 -10.92 2.79
CA HIS B 35 7.25 -11.18 1.49
C HIS B 35 8.27 -12.32 1.51
N GLY B 36 9.17 -12.30 2.49
CA GLY B 36 10.22 -13.30 2.59
C GLY B 36 9.73 -14.70 2.90
N ASN B 37 8.50 -14.81 3.40
CA ASN B 37 7.90 -16.12 3.68
C ASN B 37 6.74 -16.47 2.75
N ASN B 38 6.60 -15.71 1.67
CA ASN B 38 5.58 -15.99 0.65
C ASN B 38 4.17 -16.16 1.23
N ARG B 39 3.79 -15.33 2.18
CA ARG B 39 2.50 -15.45 2.85
C ARG B 39 1.91 -14.09 3.20
N VAL B 40 0.60 -14.06 3.38
CA VAL B 40 -0.10 -12.90 3.90
C VAL B 40 -0.64 -13.24 5.28
N VAL B 41 -0.28 -12.42 6.27
CA VAL B 41 -0.68 -12.68 7.64
C VAL B 41 -1.65 -11.60 8.10
N LYS B 42 -2.57 -11.97 9.00
CA LYS B 42 -3.47 -10.99 9.57
C LYS B 42 -3.59 -11.11 11.09
N LEU B 43 -4.00 -10.00 11.68
CA LEU B 43 -4.15 -9.90 13.11
C LEU B 43 -5.41 -9.08 13.37
N ALA B 44 -6.37 -9.66 14.08
CA ALA B 44 -7.56 -8.91 14.45
C ALA B 44 -7.19 -7.90 15.52
N ALA B 45 -8.00 -6.86 15.65
CA ALA B 45 -7.74 -5.84 16.66
C ALA B 45 -7.89 -6.45 18.05
N GLY B 46 -6.84 -6.32 18.87
CA GLY B 46 -6.84 -6.91 20.20
C GLY B 46 -6.58 -8.40 20.21
N SER B 47 -6.12 -8.94 19.08
CA SER B 47 -5.91 -10.38 18.95
C SER B 47 -4.50 -10.82 19.35
N ASN B 48 -4.42 -12.04 19.88
CA ASN B 48 -3.19 -12.61 20.40
C ASN B 48 -2.37 -13.32 19.33
N THR B 49 -3.03 -13.86 18.32
CA THR B 49 -2.34 -14.73 17.38
C THR B 49 -2.59 -14.34 15.93
N GLN B 50 -1.51 -14.32 15.15
CA GLN B 50 -1.64 -14.05 13.73
C GLN B 50 -2.21 -15.26 13.01
N THR B 51 -2.87 -14.99 11.89
CA THR B 51 -3.47 -16.01 11.03
C THR B 51 -2.94 -15.84 9.63
N VAL B 52 -2.57 -16.93 8.98
CA VAL B 52 -2.15 -16.88 7.57
C VAL B 52 -3.35 -17.04 6.66
N LEU B 53 -3.55 -16.10 5.75
CA LEU B 53 -4.68 -16.21 4.82
C LEU B 53 -4.45 -17.33 3.81
N PRO B 54 -5.53 -18.04 3.43
CA PRO B 54 -5.41 -19.20 2.56
C PRO B 54 -5.25 -18.88 1.07
N PHE B 55 -4.35 -17.95 0.76
CA PHE B 55 -3.92 -17.78 -0.61
C PHE B 55 -3.11 -19.01 -1.01
N THR B 56 -3.04 -19.26 -2.31
CA THR B 56 -2.33 -20.40 -2.85
C THR B 56 -1.28 -19.96 -3.87
N GLY B 57 -0.08 -20.53 -3.77
CA GLY B 57 0.95 -20.30 -4.76
C GLY B 57 1.63 -18.93 -4.74
N LEU B 58 1.50 -18.18 -3.64
CA LEU B 58 2.11 -16.86 -3.58
C LEU B 58 3.62 -16.95 -3.71
N ASN B 59 4.19 -15.96 -4.37
CA ASN B 59 5.62 -15.89 -4.59
C ASN B 59 6.04 -14.44 -4.48
N THR B 60 6.96 -14.16 -3.55
CA THR B 60 7.42 -12.80 -3.24
C THR B 60 6.33 -11.72 -3.29
N PRO B 61 5.22 -11.94 -2.57
CA PRO B 61 4.14 -10.95 -2.62
C PRO B 61 4.60 -9.64 -2.04
N ASN B 62 4.06 -8.54 -2.54
CA ASN B 62 4.45 -7.26 -2.01
C ASN B 62 3.27 -6.36 -1.58
N GLY B 63 2.46 -5.89 -2.50
CA GLY B 63 1.37 -5.00 -2.13
C GLY B 63 0.17 -5.71 -1.51
N VAL B 64 -0.52 -5.02 -0.62
CA VAL B 64 -1.79 -5.51 -0.09
C VAL B 64 -2.76 -4.36 0.14
N ALA B 65 -4.04 -4.63 -0.09
CA ALA B 65 -5.11 -3.70 0.20
C ALA B 65 -6.32 -4.48 0.69
N VAL B 66 -7.21 -3.79 1.39
CA VAL B 66 -8.44 -4.42 1.86
C VAL B 66 -9.60 -3.47 1.66
N ASP B 67 -10.72 -3.99 1.17
CA ASP B 67 -11.86 -3.12 0.94
C ASP B 67 -12.82 -3.16 2.12
N SER B 68 -13.91 -2.40 2.01
CA SER B 68 -14.84 -2.24 3.12
C SER B 68 -15.61 -3.52 3.42
N ALA B 69 -15.55 -4.49 2.51
CA ALA B 69 -16.18 -5.79 2.73
C ALA B 69 -15.23 -6.82 3.34
N GLY B 70 -13.98 -6.43 3.54
CA GLY B 70 -13.00 -7.35 4.10
C GLY B 70 -12.33 -8.22 3.05
N THR B 71 -12.56 -7.89 1.79
CA THR B 71 -11.87 -8.62 0.73
C THR B 71 -10.43 -8.14 0.67
N VAL B 72 -9.52 -9.09 0.61
CA VAL B 72 -8.09 -8.80 0.64
C VAL B 72 -7.49 -8.97 -0.74
N TYR B 73 -6.79 -7.94 -1.20
CA TYR B 73 -6.18 -7.91 -2.53
C TYR B 73 -4.68 -7.91 -2.38
N VAL B 74 -3.99 -8.78 -3.09
CA VAL B 74 -2.54 -8.92 -2.95
C VAL B 74 -1.88 -8.90 -4.31
N THR B 75 -0.84 -8.08 -4.45
CA THR B 75 0.01 -8.18 -5.61
C THR B 75 1.00 -9.33 -5.43
N ASP B 76 0.76 -10.40 -6.19
CA ASP B 76 1.58 -11.59 -6.10
C ASP B 76 2.73 -11.39 -7.05
N HIS B 77 3.67 -10.56 -6.62
CA HIS B 77 4.73 -10.03 -7.46
C HIS B 77 5.50 -11.09 -8.22
N GLY B 78 5.89 -12.17 -7.55
CA GLY B 78 6.68 -13.20 -8.18
C GLY B 78 5.96 -13.94 -9.31
N ASN B 79 4.64 -13.83 -9.34
CA ASN B 79 3.83 -14.45 -10.38
C ASN B 79 3.16 -13.46 -11.32
N ASN B 80 3.57 -12.20 -11.24
CA ASN B 80 3.04 -11.17 -12.13
C ASN B 80 1.51 -11.15 -12.18
N ARG B 81 0.87 -11.22 -11.02
CA ARG B 81 -0.57 -11.29 -10.97
C ARG B 81 -1.08 -10.66 -9.68
N VAL B 82 -2.37 -10.36 -9.67
CA VAL B 82 -3.03 -9.83 -8.49
C VAL B 82 -4.13 -10.79 -8.12
N VAL B 83 -4.17 -11.17 -6.84
CA VAL B 83 -5.14 -12.13 -6.38
C VAL B 83 -5.99 -11.52 -5.29
N LYS B 84 -7.21 -12.00 -5.13
CA LYS B 84 -8.06 -11.53 -4.03
C LYS B 84 -8.76 -12.68 -3.34
N LEU B 85 -9.12 -12.43 -2.08
CA LEU B 85 -9.78 -13.42 -1.26
C LEU B 85 -10.89 -12.74 -0.48
N ALA B 86 -12.12 -13.20 -0.68
CA ALA B 86 -13.24 -12.71 0.11
C ALA B 86 -13.10 -13.23 1.53
N ALA B 87 -13.58 -12.46 2.50
CA ALA B 87 -13.53 -12.87 3.90
C ALA B 87 -14.21 -14.22 4.11
N GLY B 88 -13.48 -15.16 4.73
CA GLY B 88 -14.02 -16.47 4.99
C GLY B 88 -13.80 -17.44 3.85
N SER B 89 -13.41 -16.94 2.68
CA SER B 89 -13.24 -17.83 1.55
C SER B 89 -11.91 -18.54 1.51
N ASN B 90 -11.94 -19.71 0.93
CA ASN B 90 -10.77 -20.57 0.86
C ASN B 90 -10.28 -20.71 -0.58
N THR B 91 -10.90 -19.94 -1.47
CA THR B 91 -10.62 -20.03 -2.90
C THR B 91 -10.37 -18.64 -3.44
N GLN B 92 -9.11 -18.31 -3.66
CA GLN B 92 -8.75 -17.02 -4.22
C GLN B 92 -9.24 -16.86 -5.65
N THR B 93 -9.27 -15.61 -6.09
CA THR B 93 -9.57 -15.27 -7.48
C THR B 93 -8.39 -14.50 -8.06
N VAL B 94 -7.93 -14.92 -9.23
CA VAL B 94 -6.88 -14.20 -9.91
C VAL B 94 -7.54 -13.13 -10.76
N LEU B 95 -7.20 -11.87 -10.53
CA LEU B 95 -7.83 -10.79 -11.28
C LEU B 95 -7.32 -10.80 -12.71
N PRO B 96 -8.19 -10.46 -13.68
CA PRO B 96 -7.81 -10.55 -15.10
C PRO B 96 -7.00 -9.35 -15.61
N PHE B 97 -5.96 -8.98 -14.88
CA PHE B 97 -5.00 -7.99 -15.39
C PHE B 97 -4.21 -8.63 -16.52
N THR B 98 -3.57 -7.79 -17.33
CA THR B 98 -2.87 -8.22 -18.53
C THR B 98 -1.42 -7.74 -18.52
N GLY B 99 -0.48 -8.64 -18.79
CA GLY B 99 0.89 -8.23 -19.08
C GLY B 99 1.66 -7.52 -17.96
N LEU B 100 1.36 -7.86 -16.71
CA LEU B 100 2.06 -7.24 -15.59
C LEU B 100 3.52 -7.70 -15.52
N ASN B 101 4.38 -6.81 -15.03
CA ASN B 101 5.81 -7.07 -14.92
C ASN B 101 6.24 -6.55 -13.56
N THR B 102 6.68 -7.46 -12.70
CA THR B 102 7.05 -7.15 -11.32
C THR B 102 6.16 -6.10 -10.63
N PRO B 103 4.84 -6.33 -10.62
CA PRO B 103 3.96 -5.34 -10.02
C PRO B 103 4.21 -5.18 -8.51
N ASN B 104 3.81 -4.06 -7.94
CA ASN B 104 3.97 -3.83 -6.51
C ASN B 104 2.69 -3.31 -5.84
N GLY B 105 2.52 -2.01 -5.69
CA GLY B 105 1.35 -1.53 -4.99
C GLY B 105 -0.01 -1.90 -5.58
N VAL B 106 -0.99 -2.04 -4.70
CA VAL B 106 -2.38 -2.21 -5.08
C VAL B 106 -3.28 -1.34 -4.20
N ALA B 107 -4.33 -0.78 -4.79
CA ALA B 107 -5.33 -0.01 -4.06
C ALA B 107 -6.71 -0.34 -4.58
N VAL B 108 -7.72 -0.08 -3.76
CA VAL B 108 -9.10 -0.34 -4.14
C VAL B 108 -9.97 0.84 -3.70
N ASP B 109 -10.82 1.35 -4.60
CA ASP B 109 -11.69 2.47 -4.22
C ASP B 109 -13.06 2.01 -3.74
N SER B 110 -13.94 2.95 -3.43
CA SER B 110 -15.23 2.62 -2.84
C SER B 110 -16.13 1.87 -3.82
N ALA B 111 -15.85 2.03 -5.11
CA ALA B 111 -16.61 1.34 -6.14
C ALA B 111 -16.06 -0.06 -6.42
N GLY B 112 -14.98 -0.43 -5.75
CA GLY B 112 -14.37 -1.73 -5.97
C GLY B 112 -13.40 -1.78 -7.13
N THR B 113 -13.09 -0.63 -7.72
CA THR B 113 -12.08 -0.60 -8.76
C THR B 113 -10.69 -0.81 -8.17
N VAL B 114 -9.91 -1.68 -8.82
CA VAL B 114 -8.60 -2.07 -8.34
C VAL B 114 -7.50 -1.38 -9.16
N TYR B 115 -6.56 -0.75 -8.46
CA TYR B 115 -5.47 -0.01 -9.08
C TYR B 115 -4.17 -0.71 -8.73
N VAL B 116 -3.29 -0.85 -9.71
CA VAL B 116 -2.04 -1.55 -9.51
C VAL B 116 -0.86 -0.81 -10.11
N THR B 117 0.21 -0.62 -9.32
CA THR B 117 1.44 -0.07 -9.88
C THR B 117 2.22 -1.18 -10.57
N ASP B 118 2.16 -1.19 -11.90
CA ASP B 118 2.85 -2.19 -12.73
C ASP B 118 4.29 -1.73 -12.92
N HIS B 119 5.05 -1.92 -11.84
CA HIS B 119 6.40 -1.44 -11.65
C HIS B 119 7.37 -1.68 -12.80
N GLY B 120 7.45 -2.92 -13.28
CA GLY B 120 8.34 -3.27 -14.38
C GLY B 120 8.00 -2.61 -15.71
N ASN B 121 6.75 -2.15 -15.84
CA ASN B 121 6.32 -1.50 -17.08
C ASN B 121 6.14 0.00 -16.95
N ASN B 122 6.58 0.55 -15.82
CA ASN B 122 6.52 2.00 -15.60
C ASN B 122 5.12 2.57 -15.85
N ARG B 123 4.11 1.90 -15.33
CA ARG B 123 2.75 2.33 -15.54
C ARG B 123 1.84 1.93 -14.40
N VAL B 124 0.66 2.54 -14.38
CA VAL B 124 -0.38 2.25 -13.41
C VAL B 124 -1.61 1.79 -14.18
N VAL B 125 -2.14 0.62 -13.79
CA VAL B 125 -3.32 0.08 -14.46
C VAL B 125 -4.50 0.00 -13.50
N LYS B 126 -5.70 -0.10 -14.04
CA LYS B 126 -6.95 0.06 -13.31
C LYS B 126 -7.95 -0.99 -13.82
N LEU B 127 -8.70 -1.63 -12.94
CA LEU B 127 -9.65 -2.66 -13.35
C LEU B 127 -10.92 -2.51 -12.54
N ALA B 128 -12.02 -2.11 -13.19
CA ALA B 128 -13.31 -1.95 -12.51
C ALA B 128 -13.85 -3.31 -12.06
N ALA B 129 -14.68 -3.31 -11.02
CA ALA B 129 -15.29 -4.55 -10.55
C ALA B 129 -16.27 -5.09 -11.60
S SO4 C . 16.85 -3.51 3.96
O1 SO4 C . 17.34 -2.20 3.55
O2 SO4 C . 16.58 -4.32 2.77
O3 SO4 C . 17.84 -4.19 4.78
O4 SO4 C . 15.62 -3.34 4.73
S SO4 D . 14.07 -7.71 -0.28
O1 SO4 D . 15.02 -7.13 0.68
O2 SO4 D . 14.24 -7.07 -1.58
O3 SO4 D . 12.71 -7.49 0.21
O4 SO4 D . 14.32 -9.14 -0.40
S SO4 E . 15.30 7.81 15.07
O1 SO4 E . 16.65 7.87 15.63
O2 SO4 E . 15.17 8.77 13.98
O3 SO4 E . 15.07 6.46 14.55
O4 SO4 E . 14.33 8.13 16.11
C1 GOL F . 12.11 -9.36 -8.79
O1 GOL F . 12.87 -9.96 -7.77
C2 GOL F . 12.65 -7.96 -9.04
O2 GOL F . 13.10 -7.87 -10.37
C3 GOL F . 11.54 -6.95 -8.79
O3 GOL F . 12.07 -5.75 -8.26
#